data_2RFV
#
_entry.id   2RFV
#
_cell.length_a   56.450
_cell.length_b   122.800
_cell.length_c   127.920
_cell.angle_alpha   90.00
_cell.angle_beta   90.00
_cell.angle_gamma   90.00
#
_symmetry.space_group_name_H-M   'I 2 2 2'
#
loop_
_entity.id
_entity.type
_entity.pdbx_description
1 polymer 'Methionine gamma-lyase'
2 non-polymer 'CHLORIDE ION'
3 water water
#
_entity_poly.entity_id   1
_entity_poly.type   'polypeptide(L)'
_entity_poly.pdbx_seq_one_letter_code
;MSD(CSO)RTYGFNTQIVHAGQQPDPSTGALSTPIFQTSTFVFDSAEQGAARFALEESGYIYTRLGNPTTDALEKKLAVL
ERGEAGLATASGISAITTTLLTLCQQGDHIVSASAIYGCTHAFLSHSMPKFGINVRFVDAAKPEEIRAAMRPETKVVYIE
TPANPTLSLVDIETVAGIAHQQGALLVVDNTFMSPYCQQPLQLGADIVVHSVT(LLP)YINGHGDVIGGIIVGKQEFIDQ
ARFVGLKDITGGCMSPFNAWLTLRGVKTLGIRMERHCENALKIARFLEGHPSITRVYYPGLSSHPQYELGQRQMSLPGGI
ISFEIAGGLEAGRRMINSVELCLLAVSLGDTETLIQHPASMTHSPVAPEERLKAGITDGLIRLSVGLEDPEDIINDLEHA
IRKATF
;
_entity_poly.pdbx_strand_id   A
#
loop_
_chem_comp.id
_chem_comp.type
_chem_comp.name
_chem_comp.formula
CL non-polymer 'CHLORIDE ION' 'Cl -1'
#
# COMPACT_ATOMS: atom_id res chain seq x y z
N SER A 2 -7.48 19.74 -22.86
CA SER A 2 -7.88 20.34 -21.60
C SER A 2 -6.86 20.05 -20.50
N ASP A 3 -7.35 19.76 -19.31
CA ASP A 3 -6.53 19.50 -18.15
C ASP A 3 -7.12 18.21 -17.52
N CSO A 4 -6.31 17.18 -17.44
CA CSO A 4 -6.80 15.94 -16.85
CB CSO A 4 -5.82 14.79 -17.04
SG CSO A 4 -4.33 15.01 -16.08
C CSO A 4 -7.31 16.03 -15.41
O CSO A 4 -8.05 15.19 -15.02
OD CSO A 4 -2.99 15.16 -17.16
N ARG A 5 -6.87 17.04 -14.67
CA ARG A 5 -7.34 17.24 -13.33
C ARG A 5 -8.81 17.55 -13.27
N THR A 6 -9.43 17.80 -14.41
CA THR A 6 -10.82 18.23 -14.45
C THR A 6 -11.84 17.13 -14.76
N TYR A 7 -11.36 15.96 -15.19
N TYR A 7 -11.33 15.96 -15.16
CA TYR A 7 -12.29 14.89 -15.53
CA TYR A 7 -12.19 14.82 -15.50
C TYR A 7 -12.67 14.04 -14.32
C TYR A 7 -12.78 14.15 -14.26
N GLY A 8 -13.72 13.24 -14.49
CA GLY A 8 -14.18 12.33 -13.46
C GLY A 8 -13.10 11.32 -13.15
N PHE A 9 -13.22 10.62 -12.02
CA PHE A 9 -12.14 9.78 -11.53
C PHE A 9 -11.83 8.59 -12.45
N ASN A 10 -12.86 7.98 -13.02
CA ASN A 10 -12.63 6.89 -13.95
C ASN A 10 -11.94 7.37 -15.20
N THR A 11 -12.35 8.54 -15.69
CA THR A 11 -11.71 9.15 -16.83
C THR A 11 -10.23 9.42 -16.53
N GLN A 12 -9.95 9.91 -15.32
CA GLN A 12 -8.57 10.16 -14.91
C GLN A 12 -7.76 8.88 -14.84
N ILE A 13 -8.37 7.82 -14.29
CA ILE A 13 -7.70 6.54 -14.22
C ILE A 13 -7.21 6.12 -15.61
N VAL A 14 -8.08 6.26 -16.60
CA VAL A 14 -7.74 5.90 -17.97
C VAL A 14 -6.72 6.86 -18.61
N HIS A 15 -6.93 8.17 -18.44
CA HIS A 15 -6.22 9.15 -19.26
C HIS A 15 -5.11 9.95 -18.58
N ALA A 16 -5.21 10.15 -17.27
CA ALA A 16 -4.28 11.08 -16.63
C ALA A 16 -2.83 10.65 -16.82
N GLY A 17 -1.98 11.63 -17.14
CA GLY A 17 -0.56 11.38 -17.31
C GLY A 17 -0.21 10.77 -18.65
N GLN A 18 -1.22 10.50 -19.48
CA GLN A 18 -0.99 9.80 -20.73
C GLN A 18 -1.62 10.54 -21.91
N GLN A 19 -1.02 10.37 -23.07
CA GLN A 19 -1.57 10.92 -24.31
CA GLN A 19 -1.57 10.92 -24.31
C GLN A 19 -0.92 10.20 -25.48
N PRO A 20 -1.53 10.29 -26.66
CA PRO A 20 -0.90 9.65 -27.81
C PRO A 20 0.49 10.22 -28.02
N ASP A 21 1.42 9.38 -28.47
CA ASP A 21 2.77 9.84 -28.74
C ASP A 21 2.72 10.90 -29.82
N PRO A 22 3.26 12.10 -29.53
CA PRO A 22 3.25 13.21 -30.48
C PRO A 22 3.87 12.84 -31.83
N SER A 23 5.04 12.21 -31.81
CA SER A 23 5.78 11.90 -33.03
C SER A 23 5.12 10.86 -33.94
N THR A 24 4.47 9.87 -33.34
CA THR A 24 4.00 8.71 -34.11
C THR A 24 2.49 8.52 -34.02
N GLY A 25 1.87 9.12 -33.02
CA GLY A 25 0.46 8.89 -32.76
C GLY A 25 0.17 7.61 -31.99
N ALA A 26 1.19 6.87 -31.60
CA ALA A 26 0.96 5.62 -30.88
C ALA A 26 0.11 5.89 -29.65
N LEU A 27 -0.97 5.13 -29.46
CA LEU A 27 -1.84 5.38 -28.32
C LEU A 27 -1.23 4.88 -27.01
N SER A 28 -0.77 3.62 -26.99
CA SER A 28 -0.09 3.11 -25.81
C SER A 28 1.14 3.98 -25.52
N THR A 29 1.39 4.22 -24.24
CA THR A 29 2.62 4.89 -23.86
C THR A 29 3.77 4.00 -24.33
N PRO A 30 4.71 4.54 -25.11
CA PRO A 30 5.80 3.67 -25.55
C PRO A 30 6.62 3.19 -24.36
N ILE A 31 7.23 2.01 -24.48
CA ILE A 31 8.16 1.56 -23.47
C ILE A 31 9.53 2.11 -23.80
N PHE A 32 9.96 3.14 -23.06
CA PHE A 32 11.27 3.72 -23.28
C PHE A 32 12.28 2.94 -22.47
N GLN A 33 12.55 1.72 -22.94
CA GLN A 33 13.48 0.83 -22.28
C GLN A 33 14.88 1.23 -22.72
N THR A 34 15.37 2.31 -22.11
CA THR A 34 16.67 2.85 -22.44
C THR A 34 17.36 3.24 -21.14
N SER A 35 18.69 3.27 -21.18
CA SER A 35 19.45 3.80 -20.07
C SER A 35 19.99 5.15 -20.49
N THR A 36 20.26 5.28 -21.77
CA THR A 36 20.96 6.41 -22.35
C THR A 36 20.02 7.38 -23.06
N PHE A 37 20.23 8.68 -22.86
CA PHE A 37 19.55 9.71 -23.63
C PHE A 37 20.60 10.58 -24.30
N VAL A 38 20.36 10.95 -25.55
CA VAL A 38 21.34 11.69 -26.35
C VAL A 38 20.97 13.16 -26.45
N PHE A 39 21.99 14.01 -26.50
CA PHE A 39 21.80 15.45 -26.68
C PHE A 39 22.13 15.87 -28.11
N ASP A 40 21.46 16.92 -28.58
CA ASP A 40 21.67 17.42 -29.93
C ASP A 40 22.91 18.30 -30.00
N SER A 41 23.36 18.78 -28.84
CA SER A 41 24.50 19.68 -28.77
C SER A 41 25.06 19.77 -27.36
N ALA A 42 26.24 20.37 -27.23
CA ALA A 42 26.83 20.61 -25.93
C ALA A 42 25.89 21.48 -25.11
N GLU A 43 25.31 22.48 -25.75
CA GLU A 43 24.42 23.42 -25.10
C GLU A 43 23.17 22.75 -24.55
N GLN A 44 22.56 21.88 -25.36
CA GLN A 44 21.35 21.19 -24.96
C GLN A 44 21.64 20.19 -23.83
N GLY A 45 22.88 19.75 -23.75
CA GLY A 45 23.30 18.85 -22.68
C GLY A 45 23.42 19.58 -21.35
N ALA A 46 24.07 20.75 -21.37
CA ALA A 46 24.23 21.55 -20.16
C ALA A 46 22.89 22.11 -19.69
N ALA A 47 22.04 22.48 -20.65
CA ALA A 47 20.74 23.04 -20.34
C ALA A 47 19.94 22.14 -19.40
N ARG A 48 19.94 20.84 -19.69
CA ARG A 48 19.19 19.88 -18.87
C ARG A 48 19.89 19.57 -17.55
N PHE A 49 21.21 19.38 -17.60
CA PHE A 49 21.98 19.13 -16.39
C PHE A 49 21.87 20.30 -15.41
N GLY A 55 13.46 17.96 -20.32
CA GLY A 55 13.96 16.85 -21.09
C GLY A 55 14.47 15.71 -20.23
N TYR A 56 15.16 14.76 -20.85
CA TYR A 56 15.69 13.60 -20.12
C TYR A 56 17.20 13.49 -20.29
N ILE A 57 17.81 12.67 -19.45
CA ILE A 57 19.26 12.51 -19.45
C ILE A 57 19.68 11.07 -19.23
N TYR A 58 19.01 10.41 -18.29
CA TYR A 58 19.43 9.09 -17.82
C TYR A 58 18.29 8.52 -16.98
N THR A 59 17.85 7.30 -17.29
CA THR A 59 16.61 6.79 -16.71
C THR A 59 16.53 6.79 -15.18
N ARG A 60 17.64 6.57 -14.49
CA ARG A 60 17.58 6.56 -13.04
C ARG A 60 17.22 7.94 -12.48
N LEU A 61 17.41 8.97 -13.29
CA LEU A 61 16.93 10.31 -12.93
C LEU A 61 15.52 10.57 -13.44
N GLY A 62 15.20 10.01 -14.61
CA GLY A 62 13.89 10.20 -15.21
C GLY A 62 13.74 9.47 -16.53
N ASN A 63 12.49 9.24 -16.93
CA ASN A 63 12.17 8.42 -18.11
C ASN A 63 10.73 8.73 -18.53
N PRO A 64 10.46 8.84 -19.84
CA PRO A 64 9.11 9.26 -20.25
C PRO A 64 8.00 8.28 -19.83
N THR A 65 8.29 6.98 -19.84
CA THR A 65 7.30 5.98 -19.46
C THR A 65 6.99 6.13 -17.97
N THR A 66 8.04 6.20 -17.17
CA THR A 66 7.88 6.32 -15.73
C THR A 66 7.24 7.65 -15.36
N ASP A 67 7.58 8.71 -16.09
CA ASP A 67 6.97 10.02 -15.88
CA ASP A 67 6.97 10.02 -15.89
C ASP A 67 5.44 9.94 -16.02
N ALA A 68 4.97 9.19 -17.00
CA ALA A 68 3.53 9.06 -17.22
C ALA A 68 2.86 8.44 -16.01
N LEU A 69 3.49 7.40 -15.45
CA LEU A 69 2.94 6.74 -14.27
C LEU A 69 2.92 7.69 -13.08
N GLU A 70 4.03 8.39 -12.89
CA GLU A 70 4.14 9.34 -11.78
C GLU A 70 3.07 10.42 -11.88
N LYS A 71 2.89 10.97 -13.07
CA LYS A 71 1.87 12.01 -13.27
C LYS A 71 0.46 11.46 -13.02
N LYS A 72 0.20 10.26 -13.51
CA LYS A 72 -1.12 9.67 -13.32
C LYS A 72 -1.42 9.50 -11.84
N LEU A 73 -0.49 8.89 -11.11
CA LEU A 73 -0.72 8.65 -9.69
C LEU A 73 -0.83 9.94 -8.89
N ALA A 74 -0.07 10.97 -9.29
CA ALA A 74 -0.20 12.27 -8.62
C ALA A 74 -1.61 12.81 -8.83
N VAL A 75 -2.12 12.70 -10.06
CA VAL A 75 -3.49 13.15 -10.30
C VAL A 75 -4.48 12.36 -9.44
N LEU A 76 -4.33 11.04 -9.40
CA LEU A 76 -5.29 10.21 -8.69
C LEU A 76 -5.28 10.46 -7.18
N GLU A 77 -4.12 10.78 -6.61
CA GLU A 77 -4.03 11.08 -5.18
C GLU A 77 -4.25 12.57 -4.88
N ARG A 78 -4.46 13.37 -5.92
CA ARG A 78 -4.62 14.82 -5.76
C ARG A 78 -3.36 15.43 -5.13
N GLY A 79 -2.21 14.95 -5.58
CA GLY A 79 -0.92 15.48 -5.18
C GLY A 79 -0.25 16.21 -6.33
N GLU A 80 0.81 16.95 -6.03
CA GLU A 80 1.49 17.73 -7.06
C GLU A 80 2.35 16.87 -7.97
N ALA A 81 3.01 15.87 -7.39
CA ALA A 81 4.02 15.13 -8.14
C ALA A 81 4.17 13.71 -7.62
N GLY A 82 4.67 12.84 -8.48
CA GLY A 82 4.89 11.45 -8.12
C GLY A 82 6.32 11.02 -8.39
N LEU A 83 6.74 9.96 -7.71
CA LEU A 83 8.06 9.39 -7.90
C LEU A 83 7.95 7.89 -7.80
N ALA A 84 8.25 7.19 -8.90
CA ALA A 84 8.17 5.74 -8.92
C ALA A 84 9.44 5.11 -8.36
N THR A 85 9.29 3.93 -7.75
CA THR A 85 10.43 3.25 -7.15
C THR A 85 10.43 1.76 -7.42
N ALA A 86 11.54 1.12 -7.07
CA ALA A 86 11.78 -0.29 -7.33
C ALA A 86 10.87 -1.22 -6.54
N SER A 87 10.31 -0.70 -5.45
CA SER A 87 9.47 -1.51 -4.57
C SER A 87 8.72 -0.61 -3.60
N GLY A 88 7.66 -1.15 -3.01
CA GLY A 88 6.96 -0.47 -1.94
C GLY A 88 7.92 -0.09 -0.82
N ILE A 89 8.79 -1.01 -0.43
CA ILE A 89 9.78 -0.73 0.60
CA ILE A 89 9.72 -0.68 0.63
C ILE A 89 10.64 0.48 0.21
N SER A 90 11.10 0.49 -1.03
CA SER A 90 11.90 1.62 -1.49
C SER A 90 11.13 2.95 -1.48
N ALA A 91 9.83 2.90 -1.75
CA ALA A 91 9.02 4.12 -1.64
C ALA A 91 9.09 4.68 -0.21
N ILE A 92 8.92 3.79 0.76
CA ILE A 92 8.92 4.16 2.17
C ILE A 92 10.31 4.63 2.62
N THR A 93 11.35 3.87 2.28
CA THR A 93 12.67 4.21 2.79
C THR A 93 13.27 5.41 2.05
N THR A 94 13.00 5.53 0.76
CA THR A 94 13.46 6.71 0.03
C THR A 94 12.83 7.95 0.66
N THR A 95 11.54 7.88 0.94
CA THR A 95 10.85 8.98 1.62
C THR A 95 11.49 9.31 2.97
N LEU A 96 11.59 8.32 3.85
CA LEU A 96 12.02 8.58 5.22
C LEU A 96 13.52 8.92 5.33
N LEU A 97 14.33 8.31 4.48
CA LEU A 97 15.76 8.61 4.48
C LEU A 97 16.05 9.96 3.84
N THR A 98 15.14 10.44 3.00
CA THR A 98 15.26 11.78 2.46
C THR A 98 14.95 12.81 3.55
N LEU A 99 13.91 12.53 4.32
CA LEU A 99 13.40 13.48 5.32
C LEU A 99 14.21 13.52 6.62
N CYS A 100 14.83 12.41 6.98
CA CYS A 100 15.43 12.26 8.30
C CYS A 100 16.93 12.08 8.25
N GLN A 101 17.59 12.57 9.30
CA GLN A 101 19.02 12.37 9.49
C GLN A 101 19.27 12.05 10.96
N GLN A 102 20.51 11.68 11.26
CA GLN A 102 20.86 11.33 12.63
CA GLN A 102 20.93 11.36 12.62
C GLN A 102 20.39 12.39 13.62
N GLY A 103 19.76 11.94 14.70
CA GLY A 103 19.23 12.85 15.71
C GLY A 103 17.75 13.10 15.56
N ASP A 104 17.21 12.81 14.38
CA ASP A 104 15.78 13.00 14.14
C ASP A 104 14.97 11.86 14.74
N HIS A 105 13.65 12.07 14.78
CA HIS A 105 12.75 11.14 15.42
C HIS A 105 11.50 10.92 14.56
N ILE A 106 10.97 9.70 14.61
CA ILE A 106 9.74 9.36 13.91
C ILE A 106 8.76 8.74 14.89
N VAL A 107 7.49 9.15 14.82
CA VAL A 107 6.43 8.45 15.52
C VAL A 107 5.72 7.57 14.50
N SER A 108 5.68 6.27 14.75
CA SER A 108 5.08 5.32 13.82
C SER A 108 3.98 4.49 14.47
N ALA A 109 2.92 4.22 13.72
CA ALA A 109 1.97 3.19 14.11
C ALA A 109 2.71 1.88 14.37
N SER A 110 2.21 1.09 15.32
CA SER A 110 2.73 -0.25 15.56
C SER A 110 2.18 -1.24 14.55
N ALA A 111 0.92 -1.04 14.15
CA ALA A 111 0.25 -1.92 13.21
C ALA A 111 0.61 -1.56 11.77
N ILE A 112 1.81 -1.94 11.36
CA ILE A 112 2.28 -1.66 10.02
C ILE A 112 2.84 -2.90 9.34
N TYR A 113 3.06 -2.78 8.04
CA TYR A 113 3.69 -3.82 7.24
C TYR A 113 4.96 -4.31 7.92
N GLY A 114 5.13 -5.64 7.96
CA GLY A 114 6.23 -6.24 8.69
C GLY A 114 7.61 -5.77 8.29
N CYS A 115 7.85 -5.63 6.99
N CYS A 115 7.83 -5.64 6.99
CA CYS A 115 9.16 -5.21 6.51
CA CYS A 115 9.13 -5.21 6.48
C CYS A 115 9.43 -3.73 6.80
C CYS A 115 9.41 -3.75 6.86
N THR A 116 8.38 -2.91 6.78
CA THR A 116 8.48 -1.54 7.27
C THR A 116 8.94 -1.51 8.73
N HIS A 117 8.40 -2.44 9.52
CA HIS A 117 8.68 -2.48 10.95
C HIS A 117 10.13 -2.79 11.19
N ALA A 118 10.71 -3.67 10.39
CA ALA A 118 12.14 -3.94 10.45
C ALA A 118 13.04 -2.78 10.14
N PHE A 119 12.69 -2.06 9.09
CA PHE A 119 13.40 -0.83 8.73
C PHE A 119 13.33 0.18 9.87
N LEU A 120 12.15 0.35 10.44
CA LEU A 120 11.95 1.35 11.47
C LEU A 120 12.57 0.95 12.81
N SER A 121 12.51 -0.33 13.14
CA SER A 121 12.97 -0.77 14.46
CA SER A 121 12.96 -0.84 14.44
C SER A 121 14.46 -1.05 14.51
N HIS A 122 15.05 -1.45 13.38
N HIS A 122 15.08 -1.45 13.41
CA HIS A 122 16.46 -1.86 13.37
CA HIS A 122 16.51 -1.71 13.43
C HIS A 122 17.38 -0.96 12.52
C HIS A 122 17.32 -0.76 12.57
N SER A 123 16.95 -0.64 11.30
CA SER A 123 17.75 0.16 10.39
C SER A 123 17.86 1.61 10.80
N MET A 124 16.72 2.25 11.00
CA MET A 124 16.73 3.67 11.36
C MET A 124 17.61 3.98 12.58
N PRO A 125 17.42 3.24 13.68
CA PRO A 125 18.24 3.54 14.86
C PRO A 125 19.74 3.38 14.62
N LYS A 126 20.13 2.52 13.68
CA LYS A 126 21.56 2.34 13.44
C LYS A 126 22.12 3.53 12.66
N PHE A 127 21.23 4.33 12.08
CA PHE A 127 21.60 5.58 11.44
C PHE A 127 21.35 6.79 12.35
N GLY A 128 21.08 6.55 13.63
CA GLY A 128 20.86 7.60 14.59
C GLY A 128 19.46 8.21 14.55
N ILE A 129 18.55 7.56 13.85
CA ILE A 129 17.18 8.03 13.75
C ILE A 129 16.29 7.17 14.64
N ASN A 130 15.72 7.79 15.67
CA ASN A 130 14.93 7.04 16.65
C ASN A 130 13.46 6.99 16.28
N VAL A 131 12.82 5.89 16.63
CA VAL A 131 11.43 5.67 16.29
C VAL A 131 10.64 5.22 17.50
N ARG A 132 9.50 5.88 17.73
N ARG A 132 9.50 5.85 17.73
CA ARG A 132 8.56 5.45 18.74
CA ARG A 132 8.58 5.43 18.73
C ARG A 132 7.40 4.77 18.05
C ARG A 132 7.38 4.81 18.13
N PHE A 133 7.00 3.62 18.56
CA PHE A 133 5.82 2.94 18.03
C PHE A 133 4.65 3.12 18.96
N VAL A 134 3.50 3.43 18.39
CA VAL A 134 2.31 3.70 19.17
C VAL A 134 1.09 3.04 18.53
N ASP A 135 0.00 2.93 19.27
CA ASP A 135 -1.26 2.47 18.72
C ASP A 135 -1.95 3.64 18.05
N ALA A 136 -1.84 3.72 16.72
CA ALA A 136 -2.33 4.88 15.98
C ALA A 136 -3.85 4.93 15.88
N ALA A 137 -4.53 3.89 16.35
CA ALA A 137 -5.98 3.94 16.49
C ALA A 137 -6.37 4.91 17.61
N LYS A 138 -5.37 5.30 18.41
CA LYS A 138 -5.56 6.23 19.51
C LYS A 138 -4.70 7.46 19.26
N PRO A 139 -5.28 8.49 18.62
CA PRO A 139 -4.50 9.66 18.23
C PRO A 139 -3.77 10.32 19.39
N GLU A 140 -4.29 10.17 20.60
CA GLU A 140 -3.63 10.71 21.77
C GLU A 140 -2.24 10.08 22.00
N GLU A 141 -2.08 8.81 21.62
CA GLU A 141 -0.79 8.15 21.77
C GLU A 141 0.23 8.75 20.80
N ILE A 142 -0.24 9.15 19.63
CA ILE A 142 0.62 9.83 18.68
C ILE A 142 1.09 11.17 19.28
N ARG A 143 0.14 11.96 19.77
CA ARG A 143 0.48 13.25 20.36
C ARG A 143 1.50 13.08 21.48
N ALA A 144 1.27 12.09 22.33
CA ALA A 144 2.08 11.94 23.53
C ALA A 144 3.52 11.53 23.20
N ALA A 145 3.70 10.93 22.03
CA ALA A 145 5.01 10.41 21.64
C ALA A 145 5.85 11.43 20.89
N MET A 146 5.25 12.57 20.55
CA MET A 146 5.97 13.56 19.78
CA MET A 146 5.92 13.63 19.80
C MET A 146 7.02 14.28 20.61
N ARG A 147 8.16 14.57 19.96
CA ARG A 147 9.31 15.19 20.59
C ARG A 147 9.73 16.39 19.75
N PRO A 148 10.58 17.26 20.31
CA PRO A 148 11.06 18.38 19.51
C PRO A 148 11.76 17.92 18.23
N GLU A 149 12.31 16.71 18.25
CA GLU A 149 13.07 16.17 17.12
CA GLU A 149 13.05 16.23 17.08
C GLU A 149 12.21 15.41 16.12
N THR A 150 10.91 15.29 16.41
CA THR A 150 10.04 14.50 15.53
C THR A 150 9.84 15.17 14.18
N LYS A 151 10.24 14.49 13.11
CA LYS A 151 10.11 15.02 11.76
C LYS A 151 8.89 14.46 11.06
N VAL A 152 8.51 13.24 11.42
CA VAL A 152 7.51 12.49 10.68
C VAL A 152 6.63 11.67 11.60
N VAL A 153 5.34 11.66 11.29
CA VAL A 153 4.41 10.68 11.82
C VAL A 153 4.06 9.75 10.66
N TYR A 154 4.15 8.45 10.89
CA TYR A 154 3.98 7.46 9.84
C TYR A 154 2.85 6.52 10.19
N ILE A 155 1.86 6.40 9.30
CA ILE A 155 0.71 5.53 9.55
C ILE A 155 0.29 4.72 8.32
N GLU A 156 -0.45 3.64 8.58
CA GLU A 156 -0.98 2.76 7.55
C GLU A 156 -2.45 2.51 7.88
N THR A 157 -3.36 2.65 6.92
CA THR A 157 -4.78 2.42 7.21
C THR A 157 -5.59 2.05 5.97
N PRO A 158 -6.38 0.97 6.06
CA PRO A 158 -6.46 0.03 7.19
C PRO A 158 -5.12 -0.65 7.44
N ALA A 159 -4.97 -1.22 8.63
CA ALA A 159 -3.72 -1.85 9.03
C ALA A 159 -3.91 -3.32 9.34
N ASN A 160 -2.94 -4.15 8.97
CA ASN A 160 -2.96 -5.55 9.35
C ASN A 160 -2.74 -5.70 10.85
N PRO A 161 -3.14 -6.85 11.42
CA PRO A 161 -3.79 -7.94 10.70
C PRO A 161 -5.30 -7.99 10.89
N THR A 162 -5.86 -7.03 11.64
CA THR A 162 -7.29 -7.02 11.91
C THR A 162 -8.00 -5.86 11.24
N LEU A 163 -7.31 -5.21 10.30
N LEU A 163 -7.30 -5.22 10.29
CA LEU A 163 -7.90 -4.15 9.50
CA LEU A 163 -7.88 -4.13 9.51
C LEU A 163 -8.43 -3.00 10.36
C LEU A 163 -8.43 -3.01 10.37
N SER A 164 -7.68 -2.67 11.41
CA SER A 164 -8.02 -1.52 12.24
C SER A 164 -7.75 -0.27 11.41
N LEU A 165 -8.35 0.85 11.81
CA LEU A 165 -8.20 2.07 11.05
C LEU A 165 -7.42 3.14 11.81
N VAL A 166 -7.00 4.16 11.08
CA VAL A 166 -6.40 5.35 11.66
C VAL A 166 -7.13 6.55 11.07
N ASP A 167 -7.50 7.50 11.93
CA ASP A 167 -8.20 8.70 11.51
C ASP A 167 -7.19 9.69 10.91
N ILE A 168 -7.07 9.67 9.58
CA ILE A 168 -6.05 10.45 8.89
C ILE A 168 -6.15 11.95 9.18
N GLU A 169 -7.35 12.50 9.05
CA GLU A 169 -7.52 13.94 9.22
C GLU A 169 -7.13 14.38 10.64
N THR A 170 -7.55 13.60 11.63
CA THR A 170 -7.26 13.93 13.01
C THR A 170 -5.76 13.84 13.27
N VAL A 171 -5.14 12.77 12.78
CA VAL A 171 -3.72 12.59 13.00
C VAL A 171 -2.91 13.67 12.27
N ALA A 172 -3.35 14.03 11.06
CA ALA A 172 -2.69 15.09 10.32
C ALA A 172 -2.67 16.40 11.12
N GLY A 173 -3.80 16.75 11.71
CA GLY A 173 -3.90 17.98 12.49
C GLY A 173 -2.95 17.97 13.67
N ILE A 174 -2.86 16.82 14.34
CA ILE A 174 -1.95 16.66 15.46
C ILE A 174 -0.50 16.78 15.02
N ALA A 175 -0.14 16.05 13.97
CA ALA A 175 1.23 16.08 13.46
C ALA A 175 1.63 17.51 13.09
N HIS A 176 0.75 18.21 12.37
CA HIS A 176 1.05 19.54 11.89
C HIS A 176 1.18 20.57 13.01
N GLN A 177 0.30 20.48 14.00
CA GLN A 177 0.40 21.39 15.13
C GLN A 177 1.74 21.24 15.83
N GLN A 178 2.27 20.02 15.84
CA GLN A 178 3.56 19.76 16.49
C GLN A 178 4.73 19.80 15.51
N GLY A 179 4.50 20.33 14.32
CA GLY A 179 5.58 20.63 13.38
C GLY A 179 6.13 19.46 12.58
N ALA A 180 5.38 18.36 12.52
CA ALA A 180 5.81 17.18 11.78
C ALA A 180 5.01 16.96 10.50
N LEU A 181 5.58 16.20 9.58
CA LEU A 181 4.88 15.77 8.38
C LEU A 181 4.13 14.47 8.67
N LEU A 182 3.02 14.27 7.98
CA LEU A 182 2.32 12.99 8.04
C LEU A 182 2.53 12.21 6.75
N VAL A 183 3.07 11.00 6.88
CA VAL A 183 3.26 10.10 5.75
C VAL A 183 2.27 8.96 5.91
N VAL A 184 1.49 8.68 4.86
CA VAL A 184 0.51 7.61 4.92
C VAL A 184 0.77 6.57 3.85
N ASP A 185 0.86 5.31 4.26
CA ASP A 185 0.93 4.19 3.33
C ASP A 185 -0.51 3.83 2.93
N ASN A 186 -0.86 4.12 1.68
CA ASN A 186 -2.23 3.95 1.17
C ASN A 186 -2.37 2.71 0.29
N THR A 187 -1.43 1.78 0.43
CA THR A 187 -1.40 0.56 -0.38
C THR A 187 -2.70 -0.24 -0.37
N PHE A 188 -3.25 -0.47 0.82
CA PHE A 188 -4.43 -1.32 0.96
C PHE A 188 -5.66 -0.80 0.24
N MET A 189 -5.79 0.52 0.20
N MET A 189 -5.83 0.52 0.19
CA MET A 189 -6.98 1.17 -0.33
CA MET A 189 -7.04 1.08 -0.38
C MET A 189 -6.89 1.47 -1.83
C MET A 189 -6.92 1.54 -1.83
N SER A 190 -5.72 1.97 -2.23
CA SER A 190 -5.52 2.60 -3.54
C SER A 190 -6.20 3.97 -3.54
N PRO A 191 -5.80 4.85 -4.47
CA PRO A 191 -6.41 6.17 -4.55
C PRO A 191 -7.91 6.11 -4.87
N TYR A 192 -8.37 4.99 -5.42
CA TYR A 192 -9.78 4.84 -5.74
C TYR A 192 -10.64 4.79 -4.48
N CYS A 193 -10.08 4.32 -3.38
CA CYS A 193 -10.88 4.11 -2.17
C CYS A 193 -10.54 5.06 -1.02
N GLN A 194 -9.37 5.70 -1.06
CA GLN A 194 -8.96 6.60 0.01
C GLN A 194 -7.95 7.59 -0.54
N GLN A 195 -8.06 8.85 -0.13
CA GLN A 195 -7.14 9.89 -0.60
C GLN A 195 -6.55 10.67 0.56
N PRO A 196 -5.48 10.13 1.15
CA PRO A 196 -4.92 10.73 2.37
C PRO A 196 -4.51 12.20 2.21
N LEU A 197 -4.03 12.59 1.03
CA LEU A 197 -3.63 13.99 0.85
C LEU A 197 -4.82 14.93 1.01
N GLN A 198 -6.00 14.46 0.60
CA GLN A 198 -7.21 15.27 0.71
C GLN A 198 -7.63 15.42 2.17
N LEU A 199 -7.12 14.56 3.03
CA LEU A 199 -7.46 14.59 4.45
C LEU A 199 -6.34 15.22 5.30
N GLY A 200 -5.33 15.75 4.63
CA GLY A 200 -4.28 16.50 5.32
C GLY A 200 -2.92 15.84 5.36
N ALA A 201 -2.81 14.60 4.89
CA ALA A 201 -1.50 13.98 4.83
C ALA A 201 -0.59 14.79 3.91
N ASP A 202 0.71 14.73 4.16
CA ASP A 202 1.68 15.45 3.34
C ASP A 202 2.22 14.61 2.22
N ILE A 203 2.40 13.32 2.49
CA ILE A 203 3.04 12.41 1.56
C ILE A 203 2.29 11.09 1.60
N VAL A 204 2.02 10.52 0.43
CA VAL A 204 1.41 9.20 0.35
C VAL A 204 2.41 8.26 -0.30
N VAL A 205 2.54 7.05 0.25
CA VAL A 205 3.34 6.02 -0.41
C VAL A 205 2.47 4.81 -0.71
N HIS A 206 2.83 4.09 -1.76
CA HIS A 206 2.19 2.83 -2.10
C HIS A 206 3.22 1.81 -2.48
N SER A 207 2.93 0.57 -2.15
CA SER A 207 3.42 -0.55 -2.94
C SER A 207 2.48 -0.72 -4.11
N VAL A 208 2.94 -0.44 -5.33
CA VAL A 208 2.07 -0.63 -6.49
C VAL A 208 1.92 -2.11 -6.81
N THR A 209 2.77 -2.90 -6.17
CA THR A 209 2.75 -4.35 -6.23
C THR A 209 1.37 -4.92 -5.95
N1 LLP A 210 3.13 -1.70 2.66
C2 LLP A 210 1.99 -2.44 2.50
C2' LLP A 210 0.73 -2.01 3.21
C3 LLP A 210 2.00 -3.58 1.71
O3 LLP A 210 0.96 -4.23 1.57
C4 LLP A 210 3.17 -3.97 1.06
C4' LLP A 210 3.19 -5.20 0.19
C5 LLP A 210 4.32 -3.21 1.24
C6 LLP A 210 4.30 -2.08 2.04
C5' LLP A 210 5.61 -3.58 0.58
OP4 LLP A 210 5.76 -3.27 -0.82
P LLP A 210 6.78 -4.11 -1.76
OP1 LLP A 210 6.42 -3.68 -3.14
OP2 LLP A 210 6.50 -5.54 -1.45
OP3 LLP A 210 8.13 -3.69 -1.31
N LLP A 210 0.60 -4.19 -5.15
CA LLP A 210 -0.73 -4.62 -4.75
CB LLP A 210 -1.03 -4.22 -3.30
CG LLP A 210 0.15 -4.49 -2.36
CD LLP A 210 0.72 -5.90 -2.46
CE LLP A 210 2.06 -6.01 -1.71
NZ LLP A 210 1.98 -5.37 -0.36
C LLP A 210 -1.79 -4.14 -5.76
O LLP A 210 -1.70 -4.46 -6.94
N TYR A 211 -2.77 -3.35 -5.32
CA TYR A 211 -3.90 -2.99 -6.19
C TYR A 211 -3.62 -2.08 -7.38
N ILE A 212 -2.67 -1.16 -7.25
CA ILE A 212 -2.45 -0.19 -8.33
C ILE A 212 -2.07 -0.93 -9.61
N ASN A 213 -1.07 -1.80 -9.52
CA ASN A 213 -0.82 -2.69 -10.64
C ASN A 213 -1.90 -3.76 -10.77
N GLY A 214 -2.16 -4.47 -9.68
CA GLY A 214 -3.27 -5.39 -9.58
C GLY A 214 -3.14 -6.75 -10.24
N HIS A 215 -2.06 -6.97 -10.97
CA HIS A 215 -1.96 -8.18 -11.78
C HIS A 215 -0.87 -9.16 -11.32
N GLY A 216 -0.29 -8.89 -10.15
CA GLY A 216 0.58 -9.86 -9.51
C GLY A 216 1.87 -10.13 -10.28
N ASP A 217 2.34 -9.14 -11.02
CA ASP A 217 3.49 -9.35 -11.89
C ASP A 217 4.47 -8.18 -11.88
N VAL A 218 4.27 -7.27 -10.94
CA VAL A 218 5.16 -6.13 -10.78
C VAL A 218 5.46 -5.88 -9.32
N ILE A 219 6.75 -5.74 -9.00
CA ILE A 219 7.17 -5.20 -7.72
CA ILE A 219 7.14 -5.18 -7.71
C ILE A 219 7.54 -3.74 -7.96
N GLY A 220 6.98 -2.83 -7.16
CA GLY A 220 7.24 -1.43 -7.39
C GLY A 220 6.58 -0.57 -6.34
N GLY A 221 7.00 0.68 -6.27
CA GLY A 221 6.40 1.61 -5.33
C GLY A 221 6.15 2.94 -5.98
N ILE A 222 5.40 3.79 -5.28
CA ILE A 222 5.21 5.16 -5.73
CA ILE A 222 5.15 5.16 -5.73
C ILE A 222 5.13 6.07 -4.52
N ILE A 223 5.63 7.28 -4.67
CA ILE A 223 5.56 8.31 -3.64
C ILE A 223 4.83 9.47 -4.28
N VAL A 224 3.87 10.07 -3.58
CA VAL A 224 3.18 11.24 -4.08
C VAL A 224 3.18 12.33 -3.03
N GLY A 225 3.45 13.55 -3.46
CA GLY A 225 3.46 14.67 -2.54
C GLY A 225 3.72 15.98 -3.24
N LYS A 226 4.14 16.99 -2.48
CA LYS A 226 4.44 18.29 -3.04
C LYS A 226 5.65 18.21 -3.97
N GLN A 227 5.66 19.04 -5.00
CA GLN A 227 6.78 19.08 -5.92
C GLN A 227 8.11 19.28 -5.20
N GLU A 228 8.13 20.18 -4.23
CA GLU A 228 9.35 20.50 -3.50
CA GLU A 228 9.36 20.50 -3.52
C GLU A 228 9.93 19.27 -2.83
N PHE A 229 9.06 18.50 -2.18
CA PHE A 229 9.51 17.27 -1.54
C PHE A 229 9.90 16.20 -2.55
N ILE A 230 9.06 15.99 -3.56
CA ILE A 230 9.32 14.95 -4.53
C ILE A 230 10.65 15.19 -5.25
N ASP A 231 10.95 16.45 -5.54
CA ASP A 231 12.24 16.79 -6.14
C ASP A 231 13.40 16.33 -5.26
N GLN A 232 13.26 16.50 -3.95
CA GLN A 232 14.30 16.03 -3.03
C GLN A 232 14.34 14.51 -2.97
N ALA A 233 13.19 13.88 -2.94
CA ALA A 233 13.13 12.41 -2.94
C ALA A 233 13.79 11.84 -4.19
N ARG A 234 13.66 12.56 -5.30
CA ARG A 234 14.24 12.11 -6.56
C ARG A 234 15.73 12.38 -6.65
N PHE A 235 16.11 13.63 -6.49
CA PHE A 235 17.48 14.05 -6.76
C PHE A 235 18.44 13.80 -5.60
N VAL A 236 17.90 13.46 -4.43
CA VAL A 236 18.73 13.06 -3.30
C VAL A 236 18.39 11.64 -2.84
N GLY A 237 17.13 11.40 -2.50
CA GLY A 237 16.72 10.10 -2.02
C GLY A 237 17.06 8.97 -2.98
N LEU A 238 16.55 9.04 -4.21
CA LEU A 238 16.85 8.00 -5.19
C LEU A 238 18.28 8.07 -5.67
N LYS A 239 18.69 9.26 -6.11
CA LYS A 239 20.00 9.43 -6.72
C LYS A 239 21.15 9.19 -5.73
N ASP A 240 20.98 9.64 -4.48
CA ASP A 240 22.08 9.68 -3.52
C ASP A 240 21.91 8.80 -2.29
N ILE A 241 20.85 7.99 -2.24
CA ILE A 241 20.68 7.12 -1.09
C ILE A 241 20.26 5.68 -1.42
N THR A 242 19.07 5.50 -1.98
CA THR A 242 18.58 4.14 -2.20
C THR A 242 18.88 3.58 -3.58
N GLY A 243 18.97 4.46 -4.58
CA GLY A 243 19.12 4.01 -5.96
C GLY A 243 17.94 3.17 -6.42
N GLY A 244 16.80 3.32 -5.74
CA GLY A 244 15.66 2.45 -6.00
C GLY A 244 14.77 2.87 -7.15
N CYS A 245 15.33 3.02 -8.34
CA CYS A 245 14.54 3.41 -9.50
CA CYS A 245 14.49 3.43 -9.46
C CYS A 245 13.66 2.27 -10.02
N MET A 246 12.55 2.64 -10.64
CA MET A 246 11.67 1.68 -11.26
C MET A 246 12.09 1.51 -12.71
N SER A 247 12.06 0.28 -13.21
CA SER A 247 12.40 0.07 -14.61
CA SER A 247 12.37 0.00 -14.60
C SER A 247 11.25 0.53 -15.50
N PRO A 248 11.58 1.03 -16.70
CA PRO A 248 10.52 1.53 -17.57
C PRO A 248 9.49 0.46 -17.91
N PHE A 249 9.93 -0.79 -18.07
CA PHE A 249 9.00 -1.87 -18.35
C PHE A 249 8.01 -2.06 -17.19
N ASN A 250 8.52 -2.00 -15.96
CA ASN A 250 7.65 -2.11 -14.81
C ASN A 250 6.67 -0.93 -14.74
N ALA A 251 7.14 0.26 -15.11
CA ALA A 251 6.27 1.43 -15.13
C ALA A 251 5.17 1.22 -16.17
N TRP A 252 5.54 0.68 -17.32
CA TRP A 252 4.58 0.46 -18.39
C TRP A 252 3.53 -0.57 -17.97
N LEU A 253 3.97 -1.66 -17.34
CA LEU A 253 3.02 -2.66 -16.85
C LEU A 253 2.09 -2.07 -15.79
N THR A 254 2.63 -1.21 -14.93
CA THR A 254 1.82 -0.59 -13.90
C THR A 254 0.80 0.37 -14.52
N LEU A 255 1.22 1.15 -15.51
CA LEU A 255 0.28 2.01 -16.25
C LEU A 255 -0.84 1.16 -16.82
N ARG A 256 -0.45 0.02 -17.40
CA ARG A 256 -1.42 -0.88 -17.99
C ARG A 256 -2.39 -1.44 -16.95
N GLY A 257 -1.84 -1.89 -15.82
CA GLY A 257 -2.66 -2.43 -14.74
C GLY A 257 -3.62 -1.41 -14.15
N VAL A 258 -3.16 -0.18 -14.00
CA VAL A 258 -3.97 0.83 -13.34
C VAL A 258 -5.15 1.29 -14.22
N LYS A 259 -5.09 1.03 -15.53
CA LYS A 259 -6.21 1.33 -16.42
C LYS A 259 -7.53 0.78 -15.87
N THR A 260 -7.45 -0.39 -15.26
CA THR A 260 -8.65 -1.07 -14.77
C THR A 260 -8.84 -0.91 -13.24
N LEU A 261 -8.11 0.02 -12.63
CA LEU A 261 -8.18 0.17 -11.17
C LEU A 261 -9.61 0.36 -10.67
N GLY A 262 -10.38 1.22 -11.33
CA GLY A 262 -11.73 1.53 -10.88
C GLY A 262 -12.61 0.29 -10.92
N ILE A 263 -12.67 -0.36 -12.06
CA ILE A 263 -13.52 -1.53 -12.19
C ILE A 263 -13.00 -2.69 -11.35
N ARG A 264 -11.68 -2.79 -11.17
CA ARG A 264 -11.16 -3.83 -10.31
C ARG A 264 -11.56 -3.59 -8.86
N MET A 265 -11.34 -2.39 -8.35
CA MET A 265 -11.68 -2.10 -6.96
C MET A 265 -13.16 -2.30 -6.70
N GLU A 266 -14.01 -1.88 -7.63
CA GLU A 266 -15.45 -2.08 -7.44
C GLU A 266 -15.76 -3.56 -7.27
N ARG A 267 -15.16 -4.40 -8.11
CA ARG A 267 -15.44 -5.82 -8.04
C ARG A 267 -14.80 -6.48 -6.82
N HIS A 268 -13.55 -6.13 -6.51
CA HIS A 268 -12.90 -6.64 -5.31
C HIS A 268 -13.78 -6.39 -4.08
N CYS A 269 -14.28 -5.17 -3.98
CA CYS A 269 -15.02 -4.76 -2.79
C CYS A 269 -16.43 -5.34 -2.76
N GLU A 270 -17.06 -5.47 -3.92
CA GLU A 270 -18.36 -6.13 -4.00
C GLU A 270 -18.21 -7.59 -3.57
N ASN A 271 -17.18 -8.25 -4.10
CA ASN A 271 -16.93 -9.64 -3.74
C ASN A 271 -16.59 -9.78 -2.26
N ALA A 272 -15.73 -8.91 -1.76
CA ALA A 272 -15.29 -8.99 -0.37
C ALA A 272 -16.45 -8.81 0.61
N LEU A 273 -17.35 -7.87 0.30
CA LEU A 273 -18.49 -7.65 1.19
C LEU A 273 -19.35 -8.91 1.26
N LYS A 274 -19.59 -9.54 0.12
CA LYS A 274 -20.36 -10.77 0.08
C LYS A 274 -19.68 -11.86 0.90
N ILE A 275 -18.38 -12.01 0.71
CA ILE A 275 -17.65 -13.04 1.42
C ILE A 275 -17.60 -12.75 2.93
N ALA A 276 -17.39 -11.48 3.29
CA ALA A 276 -17.38 -11.08 4.69
C ALA A 276 -18.70 -11.40 5.38
N ARG A 277 -19.81 -11.12 4.70
CA ARG A 277 -21.12 -11.40 5.27
C ARG A 277 -21.34 -12.91 5.42
N PHE A 278 -20.88 -13.68 4.43
CA PHE A 278 -20.94 -15.14 4.54
C PHE A 278 -20.18 -15.61 5.78
N LEU A 279 -18.95 -15.12 5.95
CA LEU A 279 -18.12 -15.52 7.06
C LEU A 279 -18.75 -15.11 8.40
N GLU A 280 -19.35 -13.93 8.44
CA GLU A 280 -19.97 -13.45 9.68
C GLU A 280 -21.17 -14.31 10.08
N GLY A 281 -21.77 -15.00 9.10
CA GLY A 281 -22.91 -15.85 9.37
C GLY A 281 -22.51 -17.28 9.65
N HIS A 282 -21.21 -17.57 9.60
CA HIS A 282 -20.74 -18.95 9.73
C HIS A 282 -20.37 -19.29 11.17
N PRO A 283 -21.05 -20.30 11.75
CA PRO A 283 -20.85 -20.61 13.18
C PRO A 283 -19.47 -21.15 13.54
N SER A 284 -18.67 -21.55 12.54
CA SER A 284 -17.32 -22.03 12.81
C SER A 284 -16.30 -20.91 12.75
N ILE A 285 -16.78 -19.70 12.48
CA ILE A 285 -15.91 -18.54 12.37
C ILE A 285 -16.18 -17.63 13.56
N THR A 286 -15.20 -17.45 14.44
CA THR A 286 -15.42 -16.69 15.66
C THR A 286 -15.50 -15.18 15.42
N ARG A 287 -14.64 -14.67 14.54
CA ARG A 287 -14.58 -13.23 14.25
C ARG A 287 -14.33 -12.98 12.79
N VAL A 288 -14.86 -11.86 12.30
CA VAL A 288 -14.56 -11.42 10.95
C VAL A 288 -14.20 -9.95 11.00
N TYR A 289 -13.01 -9.63 10.49
CA TYR A 289 -12.53 -8.25 10.44
C TYR A 289 -12.65 -7.72 9.03
N TYR A 290 -13.57 -6.79 8.85
CA TYR A 290 -13.81 -6.17 7.55
C TYR A 290 -14.48 -4.83 7.76
N PRO A 291 -13.89 -3.75 7.22
CA PRO A 291 -14.46 -2.42 7.46
C PRO A 291 -15.91 -2.28 6.99
N GLY A 292 -16.35 -3.16 6.10
CA GLY A 292 -17.70 -3.11 5.57
C GLY A 292 -18.76 -3.70 6.48
N LEU A 293 -18.32 -4.35 7.56
CA LEU A 293 -19.26 -4.90 8.54
C LEU A 293 -19.51 -3.88 9.63
N SER A 294 -20.78 -3.68 9.98
CA SER A 294 -21.15 -2.61 10.92
C SER A 294 -20.58 -2.82 12.32
N SER A 295 -20.17 -4.04 12.65
CA SER A 295 -19.61 -4.31 13.97
C SER A 295 -18.12 -3.97 14.07
N HIS A 296 -17.53 -3.54 12.96
CA HIS A 296 -16.15 -3.04 12.98
C HIS A 296 -16.08 -1.87 13.96
N PRO A 297 -15.10 -1.91 14.88
CA PRO A 297 -14.95 -0.93 15.97
C PRO A 297 -14.90 0.52 15.49
N GLN A 298 -14.40 0.72 14.27
CA GLN A 298 -14.26 2.06 13.71
C GLN A 298 -15.10 2.20 12.45
N TYR A 299 -16.23 1.52 12.42
CA TYR A 299 -17.08 1.47 11.24
C TYR A 299 -17.40 2.86 10.67
N GLU A 300 -17.89 3.76 11.52
CA GLU A 300 -18.31 5.07 11.04
C GLU A 300 -17.14 5.89 10.49
N LEU A 301 -15.99 5.83 11.16
CA LEU A 301 -14.78 6.46 10.64
C LEU A 301 -14.48 5.93 9.24
N GLY A 302 -14.57 4.62 9.07
CA GLY A 302 -14.35 4.00 7.77
C GLY A 302 -15.27 4.54 6.71
N GLN A 303 -16.53 4.77 7.07
CA GLN A 303 -17.52 5.27 6.10
C GLN A 303 -17.22 6.69 5.65
N ARG A 304 -16.60 7.48 6.52
CA ARG A 304 -16.27 8.85 6.16
C ARG A 304 -14.97 8.94 5.36
N GLN A 305 -14.04 8.05 5.67
CA GLN A 305 -12.67 8.14 5.19
C GLN A 305 -12.43 7.31 3.94
N MET A 306 -13.22 6.26 3.77
N MET A 306 -13.21 6.25 3.77
CA MET A 306 -13.04 5.30 2.68
CA MET A 306 -13.04 5.33 2.65
C MET A 306 -14.30 5.25 1.81
C MET A 306 -14.30 5.26 1.81
N SER A 307 -14.14 5.28 0.50
CA SER A 307 -15.28 5.25 -0.41
C SER A 307 -15.83 3.83 -0.56
N LEU A 308 -14.97 2.85 -0.30
CA LEU A 308 -15.34 1.43 -0.32
C LEU A 308 -14.56 0.76 0.79
N PRO A 309 -15.08 -0.36 1.33
CA PRO A 309 -14.45 -1.01 2.49
C PRO A 309 -13.23 -1.89 2.17
N GLY A 310 -12.88 -2.02 0.89
CA GLY A 310 -11.67 -2.73 0.51
C GLY A 310 -11.86 -4.18 0.09
N GLY A 311 -10.79 -4.79 -0.40
CA GLY A 311 -10.85 -6.16 -0.86
C GLY A 311 -10.21 -7.18 0.07
N ILE A 312 -9.82 -6.73 1.25
CA ILE A 312 -9.12 -7.60 2.19
C ILE A 312 -10.01 -7.93 3.39
N ILE A 313 -10.00 -9.19 3.79
CA ILE A 313 -10.74 -9.63 4.96
C ILE A 313 -9.81 -10.47 5.82
N SER A 314 -9.90 -10.31 7.13
CA SER A 314 -9.28 -11.25 8.04
CA SER A 314 -9.29 -11.29 8.01
C SER A 314 -10.37 -11.90 8.87
N PHE A 315 -10.16 -13.13 9.29
CA PHE A 315 -11.16 -13.81 10.11
C PHE A 315 -10.50 -14.87 10.95
N GLU A 316 -11.15 -15.25 12.04
CA GLU A 316 -10.61 -16.26 12.93
C GLU A 316 -11.47 -17.51 12.83
N ILE A 317 -10.82 -18.64 12.56
CA ILE A 317 -11.52 -19.90 12.50
C ILE A 317 -11.47 -20.60 13.86
N ALA A 318 -12.55 -21.26 14.23
CA ALA A 318 -12.60 -22.02 15.47
C ALA A 318 -11.53 -23.10 15.45
N GLY A 319 -10.88 -23.35 16.58
CA GLY A 319 -9.96 -24.46 16.70
C GLY A 319 -8.49 -24.10 16.60
N GLY A 320 -8.20 -22.81 16.59
CA GLY A 320 -6.84 -22.32 16.68
C GLY A 320 -5.89 -22.75 15.57
N LEU A 321 -4.63 -22.98 15.94
CA LEU A 321 -3.55 -23.20 14.98
C LEU A 321 -3.82 -24.35 14.01
N GLU A 322 -4.22 -25.51 14.54
CA GLU A 322 -4.46 -26.69 13.73
CA GLU A 322 -4.43 -26.67 13.69
C GLU A 322 -5.63 -26.50 12.77
N ALA A 323 -6.65 -25.78 13.22
CA ALA A 323 -7.81 -25.51 12.37
C ALA A 323 -7.40 -24.58 11.23
N GLY A 324 -6.59 -23.58 11.55
CA GLY A 324 -6.12 -22.64 10.53
C GLY A 324 -5.29 -23.34 9.47
N ARG A 325 -4.41 -24.23 9.92
CA ARG A 325 -3.55 -25.00 9.02
CA ARG A 325 -3.55 -24.99 9.01
C ARG A 325 -4.39 -25.90 8.12
N ARG A 326 -5.32 -26.62 8.73
CA ARG A 326 -6.20 -27.52 8.01
CA ARG A 326 -6.19 -27.53 8.00
C ARG A 326 -7.04 -26.78 6.98
N MET A 327 -7.49 -25.58 7.34
CA MET A 327 -8.32 -24.80 6.42
CA MET A 327 -8.32 -24.78 6.44
C MET A 327 -7.55 -24.36 5.18
N ILE A 328 -6.38 -23.77 5.37
CA ILE A 328 -5.62 -23.34 4.20
C ILE A 328 -5.13 -24.53 3.38
N ASN A 329 -4.94 -25.69 4.01
CA ASN A 329 -4.57 -26.89 3.28
C ASN A 329 -5.75 -27.55 2.56
N SER A 330 -6.95 -27.02 2.81
CA SER A 330 -8.17 -27.61 2.27
C SER A 330 -8.83 -26.79 1.17
N VAL A 331 -8.39 -25.56 0.97
CA VAL A 331 -8.92 -24.76 -0.14
C VAL A 331 -8.38 -25.31 -1.45
N GLU A 332 -9.22 -25.21 -2.48
N GLU A 332 -9.12 -25.19 -2.54
CA GLU A 332 -8.97 -25.73 -3.83
CA GLU A 332 -8.49 -25.53 -3.81
C GLU A 332 -8.93 -24.65 -4.90
C GLU A 332 -8.88 -24.62 -4.96
N LEU A 333 -9.46 -23.47 -4.62
CA LEU A 333 -9.55 -22.39 -5.58
C LEU A 333 -8.69 -21.22 -5.10
N CYS A 334 -8.90 -20.79 -3.85
CA CYS A 334 -8.03 -19.81 -3.23
C CYS A 334 -6.60 -20.32 -3.27
N LEU A 335 -5.65 -19.42 -3.54
CA LEU A 335 -4.24 -19.79 -3.62
C LEU A 335 -3.48 -19.34 -2.39
N LEU A 336 -2.58 -20.20 -1.91
CA LEU A 336 -1.80 -19.91 -0.71
C LEU A 336 -0.61 -19.02 -1.07
N ALA A 337 -0.65 -17.77 -0.61
CA ALA A 337 0.38 -16.81 -0.95
C ALA A 337 0.33 -15.66 0.04
N VAL A 338 1.41 -14.88 0.11
CA VAL A 338 1.47 -13.79 1.09
C VAL A 338 1.21 -12.40 0.51
N SER A 339 1.01 -12.31 -0.80
CA SER A 339 0.74 -11.05 -1.46
CA SER A 339 0.76 -11.01 -1.40
C SER A 339 -0.73 -10.68 -1.34
N LEU A 340 -1.09 -9.51 -1.84
CA LEU A 340 -2.50 -9.12 -1.88
C LEU A 340 -2.75 -8.18 -3.04
N GLY A 341 -4.03 -8.03 -3.41
CA GLY A 341 -4.41 -7.09 -4.43
C GLY A 341 -4.30 -7.63 -5.85
N ASP A 342 -4.13 -8.95 -5.97
CA ASP A 342 -4.05 -9.62 -7.27
C ASP A 342 -5.45 -9.93 -7.79
N THR A 343 -5.55 -10.34 -9.05
CA THR A 343 -6.86 -10.71 -9.59
C THR A 343 -7.35 -12.06 -9.08
N GLU A 344 -6.42 -12.89 -8.60
CA GLU A 344 -6.75 -14.16 -7.98
C GLU A 344 -6.95 -14.00 -6.48
N THR A 345 -7.88 -14.76 -5.91
CA THR A 345 -8.07 -14.78 -4.46
C THR A 345 -6.89 -15.48 -3.79
N LEU A 346 -6.28 -14.80 -2.83
CA LEU A 346 -5.13 -15.32 -2.11
C LEU A 346 -5.47 -15.46 -0.65
N ILE A 347 -4.92 -16.47 -0.01
CA ILE A 347 -5.22 -16.76 1.37
C ILE A 347 -3.94 -17.09 2.11
N GLN A 348 -3.85 -16.68 3.37
CA GLN A 348 -2.71 -17.08 4.18
C GLN A 348 -3.10 -17.24 5.64
N HIS A 349 -2.31 -18.03 6.34
CA HIS A 349 -2.51 -18.29 7.75
C HIS A 349 -1.21 -17.94 8.43
N PRO A 350 -1.09 -16.69 8.89
CA PRO A 350 0.19 -16.16 9.39
C PRO A 350 0.83 -17.01 10.48
N ALA A 351 0.03 -17.53 11.41
CA ALA A 351 0.59 -18.30 12.52
C ALA A 351 1.36 -19.54 12.07
N SER A 352 1.01 -20.09 10.92
CA SER A 352 1.65 -21.32 10.44
C SER A 352 2.56 -21.09 9.24
N MET A 353 2.42 -19.95 8.58
CA MET A 353 3.11 -19.72 7.32
C MET A 353 4.25 -18.73 7.40
N THR A 354 4.01 -17.60 8.05
CA THR A 354 4.99 -16.51 8.07
C THR A 354 5.53 -16.24 9.46
N HIS A 355 4.72 -16.49 10.48
CA HIS A 355 5.10 -16.22 11.87
C HIS A 355 5.25 -17.50 12.67
N SER A 356 5.48 -18.61 11.97
CA SER A 356 5.61 -19.91 12.62
C SER A 356 6.73 -19.97 13.67
N PRO A 357 7.90 -19.40 13.35
CA PRO A 357 9.01 -19.39 14.32
C PRO A 357 8.75 -18.46 15.50
N VAL A 358 7.93 -17.44 15.29
CA VAL A 358 7.66 -16.45 16.34
C VAL A 358 6.91 -17.06 17.52
N ALA A 359 7.34 -16.71 18.73
CA ALA A 359 6.70 -17.20 19.95
C ALA A 359 5.20 -16.87 19.93
N PRO A 360 4.36 -17.89 20.19
CA PRO A 360 2.90 -17.76 20.17
C PRO A 360 2.41 -16.55 20.95
N GLU A 361 3.04 -16.27 22.09
CA GLU A 361 2.63 -15.16 22.95
C GLU A 361 2.97 -13.82 22.33
N GLU A 362 4.06 -13.78 21.56
CA GLU A 362 4.47 -12.55 20.87
C GLU A 362 3.55 -12.26 19.69
N ARG A 363 3.11 -13.32 19.00
CA ARG A 363 2.17 -13.17 17.91
C ARG A 363 0.86 -12.60 18.46
N LEU A 364 0.40 -13.17 19.57
CA LEU A 364 -0.83 -12.71 20.22
C LEU A 364 -0.82 -11.22 20.54
N LYS A 365 0.31 -10.73 21.05
CA LYS A 365 0.43 -9.32 21.37
C LYS A 365 0.27 -8.47 20.12
N ALA A 366 0.74 -8.99 18.99
CA ALA A 366 0.68 -8.26 17.73
C ALA A 366 -0.64 -8.48 16.99
N GLY A 367 -1.62 -9.07 17.68
CA GLY A 367 -2.94 -9.26 17.10
C GLY A 367 -3.05 -10.45 16.18
N ILE A 368 -1.97 -11.22 16.07
CA ILE A 368 -1.98 -12.44 15.26
C ILE A 368 -2.34 -13.65 16.11
N THR A 369 -3.61 -14.03 16.09
CA THR A 369 -4.04 -15.20 16.84
C THR A 369 -3.79 -16.46 16.03
N ASP A 370 -3.77 -17.61 16.71
CA ASP A 370 -3.48 -18.88 16.07
C ASP A 370 -4.48 -19.24 14.98
N GLY A 371 -5.71 -18.73 15.08
CA GLY A 371 -6.73 -19.06 14.12
C GLY A 371 -6.98 -17.98 13.08
N LEU A 372 -6.15 -16.95 13.08
CA LEU A 372 -6.35 -15.83 12.15
C LEU A 372 -5.96 -16.19 10.72
N ILE A 373 -6.87 -15.91 9.80
CA ILE A 373 -6.67 -16.14 8.38
C ILE A 373 -6.83 -14.81 7.66
N ARG A 374 -5.95 -14.53 6.71
CA ARG A 374 -6.11 -13.32 5.91
CA ARG A 374 -6.01 -13.32 5.88
C ARG A 374 -6.46 -13.70 4.48
N LEU A 375 -7.43 -12.99 3.93
CA LEU A 375 -7.93 -13.28 2.61
C LEU A 375 -7.88 -12.03 1.73
N SER A 376 -7.24 -12.16 0.57
CA SER A 376 -7.26 -11.10 -0.43
C SER A 376 -8.23 -11.56 -1.50
N VAL A 377 -9.38 -10.89 -1.57
CA VAL A 377 -10.45 -11.34 -2.43
C VAL A 377 -10.22 -10.89 -3.87
N GLY A 378 -10.28 -11.85 -4.80
CA GLY A 378 -10.02 -11.58 -6.20
C GLY A 378 -11.27 -11.34 -7.04
N LEU A 379 -11.14 -11.52 -8.35
CA LEU A 379 -12.19 -11.18 -9.30
C LEU A 379 -13.01 -12.38 -9.74
N GLU A 380 -12.80 -13.53 -9.10
CA GLU A 380 -13.60 -14.71 -9.39
C GLU A 380 -15.07 -14.49 -9.03
N ASP A 381 -15.94 -15.40 -9.47
CA ASP A 381 -17.31 -15.37 -8.97
C ASP A 381 -17.29 -15.59 -7.46
N PRO A 382 -17.93 -14.68 -6.70
CA PRO A 382 -17.89 -14.82 -5.24
C PRO A 382 -18.54 -16.11 -4.77
N GLU A 383 -19.48 -16.62 -5.54
CA GLU A 383 -20.11 -17.90 -5.21
C GLU A 383 -19.07 -19.03 -5.20
N ASP A 384 -18.12 -19.00 -6.12
CA ASP A 384 -17.07 -20.02 -6.17
C ASP A 384 -16.11 -19.89 -4.99
N ILE A 385 -15.76 -18.66 -4.65
N ILE A 385 -15.77 -18.65 -4.65
CA ILE A 385 -14.90 -18.42 -3.49
CA ILE A 385 -14.90 -18.43 -3.50
C ILE A 385 -15.59 -18.84 -2.20
C ILE A 385 -15.59 -18.85 -2.21
N ILE A 386 -16.86 -18.47 -2.06
CA ILE A 386 -17.64 -18.86 -0.89
C ILE A 386 -17.74 -20.38 -0.79
N ASN A 387 -18.01 -21.05 -1.90
CA ASN A 387 -18.08 -22.51 -1.89
CA ASN A 387 -18.09 -22.50 -1.89
C ASN A 387 -16.76 -23.13 -1.46
N ASP A 388 -15.66 -22.57 -1.94
CA ASP A 388 -14.34 -23.07 -1.60
C ASP A 388 -14.08 -22.87 -0.11
N LEU A 389 -14.38 -21.67 0.39
CA LEU A 389 -14.23 -21.39 1.81
C LEU A 389 -15.11 -22.30 2.67
N GLU A 390 -16.37 -22.47 2.26
CA GLU A 390 -17.31 -23.29 3.03
C GLU A 390 -16.80 -24.73 3.14
N HIS A 391 -16.32 -25.25 2.02
CA HIS A 391 -15.77 -26.60 1.95
C HIS A 391 -14.56 -26.74 2.87
N ALA A 392 -13.63 -25.78 2.78
CA ALA A 392 -12.42 -25.82 3.58
C ALA A 392 -12.71 -25.67 5.08
N ILE A 393 -13.61 -24.75 5.43
CA ILE A 393 -13.98 -24.53 6.83
C ILE A 393 -14.60 -25.79 7.41
N ARG A 394 -15.52 -26.42 6.66
CA ARG A 394 -16.17 -27.64 7.12
C ARG A 394 -15.12 -28.71 7.40
N LYS A 395 -14.18 -28.86 6.48
CA LYS A 395 -13.12 -29.84 6.62
C LYS A 395 -12.21 -29.53 7.81
N ALA A 396 -11.86 -28.26 7.96
CA ALA A 396 -10.92 -27.84 9.00
C ALA A 396 -11.48 -27.95 10.40
N THR A 397 -12.81 -27.98 10.51
CA THR A 397 -13.47 -27.99 11.80
C THR A 397 -14.20 -29.32 12.05
CL CL B . -3.51 -5.47 -17.81
#